data_8ZPN
#
_entry.id   8ZPN
#
_cell.length_a   1.00
_cell.length_b   1.00
_cell.length_c   1.00
_cell.angle_alpha   90.00
_cell.angle_beta   90.00
_cell.angle_gamma   90.00
#
_symmetry.space_group_name_H-M   'P 1'
#
loop_
_entity.id
_entity.type
_entity.pdbx_description
1 polymer 'Soluble cytochrome b562,C-X-C chemokine receptor type 4'
2 polymer 'Nb6 nanobody'
3 non-polymer CHOLESTEROL
4 non-polymer Plerixafor
#
loop_
_entity_poly.entity_id
_entity_poly.type
_entity_poly.pdbx_seq_one_letter_code
_entity_poly.pdbx_strand_id
1 'polypeptide(L)'
;MKTIIALSYIFCLVFADYKDDDDKGSADLEDNWETLNDNLKVIEKADNAAQVKDALTKMRAAALDAQKATPPKLEDKSPD
SPEMKDFRHGFDILVGQIDDALKLANEGKVKEAQAAAEQLKTTRNAYIQKYLLVPRGSMEGISIYTSDNYTEEMGSGDYD
SMKEPCFREENANFNKIFLPTIYSIIFLTGIVGNGLVILVMGYQKKLRSMTDKYRLHLSVADLLFVITLPFWAVDAVANW
YFGNFLCKAVHVIYTVNLYSSVWILAFISLDRYLAIVHATNSQRPRKLLAEKVVYVGVWIPALLLTIPDFIFANVSEADD
RYICDRFYPNDLWVVVFQFQHIMVGLILPGIVILSCYCIIISRLKSVRLLSGSREKDRNLRRITRPTVILILAFFACWLP
YYIGISIDSFILLEIIKQGCEFENTVHKWISITEALAFFHCCLNPILYAFLGAKFKTSAQHALTSGRPLEVLFQGPHHHH
HHHHHH
;
R
2 'polypeptide(L)'
;MLLVNQSHQGFNKEHTSKMVSAIVLYVLLAAAAHSAFAMAQVQLQESGGGLVQAGESLRLSCAASGTIFRLYDMGWYRRV
SGNQRELVASITSGGSTKYGDSVKGRFTISRDNAKNTVYLQMSSLKPEDTAVYYCNAEYRTGIWEELLDGWGQGTQVTVS
SHHHHHHHH
;
N
#
# COMPACT_ATOMS: atom_id res chain seq x y z
N ALA A 172 -22.50 28.09 -18.18
CA ALA A 172 -21.40 27.15 -18.02
C ALA A 172 -20.08 27.88 -17.82
N ASN A 173 -20.16 29.15 -17.41
CA ASN A 173 -18.95 29.93 -17.17
C ASN A 173 -18.12 29.35 -16.05
N PHE A 174 -18.77 28.81 -15.01
CA PHE A 174 -18.04 28.23 -13.89
C PHE A 174 -17.17 27.08 -14.36
N ASN A 175 -17.73 26.17 -15.15
CA ASN A 175 -16.95 25.05 -15.67
C ASN A 175 -15.89 25.52 -16.67
N LYS A 176 -16.25 26.49 -17.52
CA LYS A 176 -15.33 27.01 -18.52
C LYS A 176 -14.11 27.65 -17.88
N ILE A 177 -14.26 28.22 -16.70
CA ILE A 177 -13.11 28.78 -15.99
C ILE A 177 -12.42 27.75 -15.10
N PHE A 178 -13.17 26.77 -14.59
CA PHE A 178 -12.59 25.80 -13.67
C PHE A 178 -11.71 24.78 -14.38
N LEU A 179 -12.12 24.30 -15.55
CA LEU A 179 -11.37 23.24 -16.22
C LEU A 179 -9.94 23.63 -16.59
N PRO A 180 -9.69 24.74 -17.29
CA PRO A 180 -8.30 25.03 -17.71
C PRO A 180 -7.35 25.24 -16.55
N THR A 181 -7.81 25.83 -15.45
CA THR A 181 -6.93 26.07 -14.31
C THR A 181 -6.43 24.75 -13.73
N ILE A 182 -7.32 23.78 -13.57
CA ILE A 182 -6.91 22.48 -13.04
C ILE A 182 -6.03 21.75 -14.04
N TYR A 183 -6.39 21.78 -15.32
CA TYR A 183 -5.59 21.14 -16.35
C TYR A 183 -4.19 21.75 -16.50
N SER A 184 -4.01 23.00 -16.09
CA SER A 184 -2.71 23.64 -16.13
C SER A 184 -1.92 23.40 -14.85
N ILE A 185 -2.58 23.40 -13.69
CA ILE A 185 -1.89 23.09 -12.44
C ILE A 185 -1.34 21.67 -12.49
N ILE A 186 -2.18 20.71 -12.90
CA ILE A 186 -1.72 19.34 -13.04
C ILE A 186 -0.59 19.26 -14.06
N PHE A 187 -0.66 20.06 -15.13
CA PHE A 187 0.36 20.00 -16.17
C PHE A 187 1.72 20.44 -15.63
N LEU A 188 1.77 21.60 -14.97
CA LEU A 188 3.05 22.05 -14.40
C LEU A 188 3.58 21.06 -13.37
N THR A 189 2.72 20.60 -12.46
CA THR A 189 3.20 19.68 -11.44
C THR A 189 3.68 18.37 -12.05
N GLY A 190 2.97 17.88 -13.07
CA GLY A 190 3.39 16.65 -13.72
C GLY A 190 4.72 16.80 -14.43
N ILE A 191 4.89 17.87 -15.21
CA ILE A 191 6.17 18.09 -15.87
C ILE A 191 7.29 18.15 -14.85
N VAL A 192 7.14 18.97 -13.81
CA VAL A 192 8.22 19.14 -12.86
C VAL A 192 8.56 17.83 -12.17
N GLY A 193 7.55 17.20 -11.53
CA GLY A 193 7.82 16.01 -10.75
C GLY A 193 8.28 14.84 -11.60
N ASN A 194 7.59 14.57 -12.70
CA ASN A 194 7.93 13.42 -13.52
C ASN A 194 9.28 13.60 -14.21
N GLY A 195 9.58 14.81 -14.70
CA GLY A 195 10.90 15.05 -15.24
C GLY A 195 11.99 14.87 -14.22
N LEU A 196 11.77 15.38 -12.99
CA LEU A 196 12.76 15.21 -11.94
C LEU A 196 12.99 13.73 -11.64
N VAL A 197 11.90 12.98 -11.50
CA VAL A 197 12.03 11.55 -11.17
C VAL A 197 12.75 10.81 -12.29
N ILE A 198 12.35 11.06 -13.54
CA ILE A 198 12.93 10.34 -14.66
C ILE A 198 14.41 10.67 -14.80
N LEU A 199 14.78 11.94 -14.71
CA LEU A 199 16.18 12.31 -14.79
C LEU A 199 16.99 11.67 -13.66
N VAL A 200 16.48 11.76 -12.43
CA VAL A 200 17.23 11.28 -11.27
C VAL A 200 17.44 9.76 -11.36
N MET A 201 16.39 9.03 -11.71
CA MET A 201 16.47 7.57 -11.73
C MET A 201 16.88 6.99 -13.08
N GLY A 202 17.14 7.84 -14.08
CA GLY A 202 17.61 7.33 -15.35
C GLY A 202 19.05 7.68 -15.65
N TYR A 203 19.49 8.87 -15.22
CA TYR A 203 20.85 9.29 -15.48
C TYR A 203 21.70 9.45 -14.24
N GLN A 204 21.12 9.88 -13.11
CA GLN A 204 21.88 10.02 -11.88
C GLN A 204 21.98 8.71 -11.10
N LYS A 205 21.30 7.66 -11.55
CA LYS A 205 21.44 6.32 -11.00
C LYS A 205 21.15 6.28 -9.49
N LYS A 206 19.93 6.68 -9.14
CA LYS A 206 19.44 6.55 -7.78
C LYS A 206 18.47 5.38 -7.62
N LEU A 207 18.39 4.50 -8.63
CA LEU A 207 17.50 3.35 -8.56
C LEU A 207 18.04 2.34 -7.56
N ARG A 208 17.17 1.88 -6.67
CA ARG A 208 17.55 0.94 -5.61
C ARG A 208 17.15 -0.49 -5.93
N SER A 209 15.87 -0.74 -6.16
CA SER A 209 15.34 -2.09 -6.30
C SER A 209 14.29 -2.09 -7.41
N MET A 210 13.53 -3.19 -7.48
CA MET A 210 12.56 -3.37 -8.56
C MET A 210 11.41 -2.38 -8.44
N THR A 211 11.03 -2.01 -7.22
CA THR A 211 9.97 -1.02 -7.04
C THR A 211 10.33 0.30 -7.70
N ASP A 212 11.62 0.65 -7.69
CA ASP A 212 12.05 1.87 -8.36
C ASP A 212 11.93 1.73 -9.88
N LYS A 213 12.19 0.55 -10.43
CA LYS A 213 11.96 0.33 -11.86
C LYS A 213 10.50 0.50 -12.22
N TYR A 214 9.60 -0.07 -11.40
CA TYR A 214 8.17 0.08 -11.66
C TYR A 214 7.76 1.55 -11.57
N ARG A 215 8.30 2.27 -10.60
CA ARG A 215 7.99 3.69 -10.48
C ARG A 215 8.55 4.48 -11.64
N LEU A 216 9.68 4.06 -12.21
CA LEU A 216 10.20 4.70 -13.42
C LEU A 216 9.24 4.52 -14.58
N HIS A 217 8.70 3.31 -14.74
CA HIS A 217 7.72 3.08 -15.80
C HIS A 217 6.46 3.92 -15.58
N LEU A 218 6.01 4.00 -14.33
CA LEU A 218 4.87 4.86 -14.00
C LEU A 218 5.16 6.30 -14.36
N SER A 219 6.36 6.78 -14.06
CA SER A 219 6.73 8.17 -14.35
C SER A 219 6.75 8.42 -15.85
N VAL A 220 7.21 7.44 -16.63
CA VAL A 220 7.21 7.61 -18.09
C VAL A 220 5.78 7.76 -18.61
N ALA A 221 4.89 6.86 -18.18
CA ALA A 221 3.50 6.95 -18.64
C ALA A 221 2.85 8.26 -18.21
N ASP A 222 3.06 8.67 -16.96
CA ASP A 222 2.48 9.91 -16.47
C ASP A 222 3.06 11.11 -17.19
N LEU A 223 4.34 11.07 -17.56
CA LEU A 223 4.92 12.16 -18.33
C LEU A 223 4.27 12.28 -19.69
N LEU A 224 4.00 11.15 -20.34
CA LEU A 224 3.31 11.20 -21.63
C LEU A 224 1.94 11.85 -21.49
N PHE A 225 1.16 11.43 -20.48
CA PHE A 225 -0.17 12.03 -20.32
C PHE A 225 -0.08 13.51 -19.95
N VAL A 226 0.88 13.89 -19.11
CA VAL A 226 1.01 15.28 -18.73
C VAL A 226 1.41 16.13 -19.93
N ILE A 227 2.23 15.58 -20.83
CA ILE A 227 2.54 16.26 -22.08
C ILE A 227 1.27 16.47 -22.91
N THR A 228 0.39 15.47 -22.93
CA THR A 228 -0.80 15.64 -23.77
C THR A 228 -1.89 16.50 -23.13
N LEU A 229 -1.77 16.83 -21.84
CA LEU A 229 -2.79 17.63 -21.17
C LEU A 229 -3.06 19.02 -21.78
N PRO A 230 -2.05 19.83 -22.15
CA PRO A 230 -2.36 21.20 -22.61
C PRO A 230 -3.31 21.27 -23.79
N PHE A 231 -3.28 20.29 -24.69
CA PHE A 231 -4.25 20.26 -25.77
C PHE A 231 -5.67 20.15 -25.23
N TRP A 232 -5.86 19.32 -24.19
CA TRP A 232 -7.17 19.24 -23.55
C TRP A 232 -7.55 20.55 -22.89
N ALA A 233 -6.57 21.24 -22.28
CA ALA A 233 -6.85 22.55 -21.70
C ALA A 233 -7.36 23.53 -22.76
N VAL A 234 -6.64 23.63 -23.88
CA VAL A 234 -7.04 24.56 -24.94
C VAL A 234 -8.39 24.15 -25.52
N ASP A 235 -8.64 22.85 -25.65
CA ASP A 235 -9.94 22.38 -26.12
C ASP A 235 -11.06 22.83 -25.18
N ALA A 236 -10.83 22.71 -23.87
CA ALA A 236 -11.85 23.12 -22.92
C ALA A 236 -12.04 24.64 -22.90
N VAL A 237 -11.01 25.40 -23.26
CA VAL A 237 -11.12 26.85 -23.21
C VAL A 237 -12.04 27.37 -24.32
N ALA A 238 -11.61 27.23 -25.57
CA ALA A 238 -12.33 27.83 -26.69
C ALA A 238 -12.78 26.82 -27.73
N ASN A 239 -11.86 26.04 -28.29
CA ASN A 239 -12.14 25.24 -29.48
C ASN A 239 -10.97 24.28 -29.69
N TRP A 240 -10.97 23.58 -30.82
CA TRP A 240 -9.92 22.64 -31.18
C TRP A 240 -9.40 22.99 -32.57
N TYR A 241 -8.20 23.57 -32.62
CA TYR A 241 -7.57 23.98 -33.88
C TYR A 241 -6.35 23.14 -34.19
N PHE A 242 -6.38 21.85 -33.84
CA PHE A 242 -5.17 21.03 -33.87
C PHE A 242 -5.22 19.94 -34.94
N GLY A 243 -6.34 19.25 -35.09
CA GLY A 243 -6.53 18.36 -36.22
C GLY A 243 -6.90 16.95 -35.79
N ASN A 244 -7.35 16.18 -36.80
CA ASN A 244 -7.76 14.80 -36.58
C ASN A 244 -6.60 13.94 -36.12
N PHE A 245 -5.43 14.14 -36.71
CA PHE A 245 -4.26 13.35 -36.31
C PHE A 245 -3.90 13.61 -34.85
N LEU A 246 -3.94 14.87 -34.42
CA LEU A 246 -3.64 15.17 -33.03
C LEU A 246 -4.72 14.65 -32.10
N CYS A 247 -5.98 14.64 -32.54
CA CYS A 247 -7.05 14.03 -31.75
C CYS A 247 -6.77 12.56 -31.52
N LYS A 248 -6.44 11.84 -32.60
CA LYS A 248 -6.12 10.41 -32.47
C LYS A 248 -4.92 10.21 -31.55
N ALA A 249 -3.89 11.05 -31.69
CA ALA A 249 -2.69 10.90 -30.89
C ALA A 249 -2.99 11.10 -29.40
N VAL A 250 -3.77 12.12 -29.06
CA VAL A 250 -4.04 12.38 -27.65
C VAL A 250 -4.91 11.28 -27.06
N HIS A 251 -5.87 10.76 -27.83
CA HIS A 251 -6.68 9.65 -27.33
C HIS A 251 -5.83 8.41 -27.09
N VAL A 252 -4.93 8.10 -28.03
CA VAL A 252 -4.07 6.94 -27.88
C VAL A 252 -3.18 7.10 -26.66
N ILE A 253 -2.61 8.29 -26.47
CA ILE A 253 -1.72 8.53 -25.33
C ILE A 253 -2.49 8.37 -24.02
N TYR A 254 -3.70 8.92 -23.96
CA TYR A 254 -4.50 8.83 -22.74
C TYR A 254 -4.79 7.37 -22.39
N THR A 255 -5.23 6.58 -23.37
CA THR A 255 -5.55 5.18 -23.09
C THR A 255 -4.31 4.40 -22.68
N VAL A 256 -3.19 4.62 -23.37
CA VAL A 256 -1.95 3.91 -23.03
C VAL A 256 -1.54 4.24 -21.60
N ASN A 257 -1.56 5.52 -21.24
CA ASN A 257 -1.16 5.90 -19.89
C ASN A 257 -2.06 5.27 -18.84
N LEU A 258 -3.38 5.33 -19.05
CA LEU A 258 -4.31 4.78 -18.08
C LEU A 258 -4.06 3.29 -17.85
N TYR A 259 -4.06 2.51 -18.93
CA TYR A 259 -3.94 1.07 -18.79
C TYR A 259 -2.54 0.65 -18.34
N SER A 260 -1.52 1.45 -18.64
CA SER A 260 -0.18 1.13 -18.18
C SER A 260 -0.04 1.36 -16.69
N SER A 261 -0.51 2.50 -16.19
CA SER A 261 -0.34 2.83 -14.78
C SER A 261 -1.16 1.88 -13.90
N VAL A 262 -2.43 1.66 -14.26
CA VAL A 262 -3.29 0.86 -13.39
C VAL A 262 -2.79 -0.56 -13.23
N TRP A 263 -1.97 -1.05 -14.16
CA TRP A 263 -1.43 -2.41 -14.08
C TRP A 263 0.01 -2.47 -13.61
N ILE A 264 0.79 -1.41 -13.79
CA ILE A 264 2.09 -1.37 -13.12
C ILE A 264 1.89 -1.35 -11.61
N LEU A 265 0.79 -0.75 -11.15
CA LEU A 265 0.48 -0.84 -9.72
C LEU A 265 0.29 -2.30 -9.29
N ALA A 266 -0.43 -3.09 -10.09
CA ALA A 266 -0.62 -4.50 -9.77
C ALA A 266 0.68 -5.28 -9.84
N PHE A 267 1.57 -4.91 -10.76
CA PHE A 267 2.88 -5.55 -10.80
C PHE A 267 3.70 -5.24 -9.54
N ILE A 268 3.60 -4.00 -9.03
CA ILE A 268 4.22 -3.66 -7.76
C ILE A 268 3.66 -4.53 -6.65
N SER A 269 2.34 -4.70 -6.62
CA SER A 269 1.71 -5.52 -5.60
C SER A 269 2.19 -6.97 -5.66
N LEU A 270 2.27 -7.53 -6.87
CA LEU A 270 2.76 -8.90 -7.01
C LEU A 270 4.21 -9.01 -6.58
N ASP A 271 5.03 -8.02 -6.92
CA ASP A 271 6.43 -8.04 -6.49
C ASP A 271 6.52 -8.07 -4.98
N ARG A 272 5.72 -7.24 -4.30
CA ARG A 272 5.76 -7.21 -2.84
C ARG A 272 5.26 -8.53 -2.25
N TYR A 273 4.21 -9.11 -2.83
CA TYR A 273 3.71 -10.38 -2.32
C TYR A 273 4.74 -11.47 -2.44
N LEU A 274 5.40 -11.58 -3.60
CA LEU A 274 6.46 -12.58 -3.75
C LEU A 274 7.62 -12.30 -2.81
N ALA A 275 7.95 -11.03 -2.60
CA ALA A 275 9.07 -10.69 -1.72
C ALA A 275 8.78 -11.11 -0.28
N ILE A 276 7.57 -10.88 0.20
CA ILE A 276 7.26 -11.11 1.61
C ILE A 276 6.85 -12.55 1.88
N VAL A 277 5.87 -13.07 1.14
CA VAL A 277 5.30 -14.37 1.49
C VAL A 277 6.29 -15.49 1.24
N HIS A 278 6.93 -15.49 0.07
CA HIS A 278 7.93 -16.50 -0.28
C HIS A 278 9.27 -15.80 -0.32
N ALA A 279 9.92 -15.67 0.84
CA ALA A 279 11.12 -14.86 0.99
C ALA A 279 12.41 -15.66 0.84
N THR A 280 12.31 -16.97 0.61
CA THR A 280 13.51 -17.81 0.53
C THR A 280 14.09 -17.84 -0.88
N ASN A 281 13.25 -18.09 -1.88
CA ASN A 281 13.68 -18.25 -3.27
C ASN A 281 12.86 -17.38 -4.20
N SER A 282 12.68 -16.11 -3.83
CA SER A 282 11.95 -15.15 -4.65
C SER A 282 12.85 -14.36 -5.59
N GLN A 283 14.18 -14.54 -5.49
CA GLN A 283 15.08 -13.73 -6.31
C GLN A 283 14.86 -13.97 -7.79
N ARG A 284 14.70 -15.23 -8.20
CA ARG A 284 14.50 -15.50 -9.63
C ARG A 284 13.12 -15.06 -10.09
N PRO A 285 11.98 -15.44 -9.44
CA PRO A 285 10.71 -14.85 -9.85
C PRO A 285 10.45 -13.52 -9.16
N ARG A 286 11.50 -12.71 -9.05
CA ARG A 286 11.39 -11.32 -8.64
C ARG A 286 12.25 -10.50 -9.59
N LYS A 287 13.27 -11.15 -10.15
CA LYS A 287 14.13 -10.54 -11.15
C LYS A 287 13.58 -10.75 -12.56
N LEU A 288 13.18 -11.99 -12.89
CA LEU A 288 12.66 -12.24 -14.24
C LEU A 288 11.35 -11.48 -14.48
N LEU A 289 10.45 -11.49 -13.50
CA LEU A 289 9.14 -10.87 -13.66
C LEU A 289 9.23 -9.37 -13.92
N ALA A 290 10.36 -8.74 -13.58
CA ALA A 290 10.57 -7.33 -13.86
C ALA A 290 11.54 -7.06 -14.99
N GLU A 291 12.40 -8.01 -15.33
CA GLU A 291 13.39 -7.82 -16.37
C GLU A 291 12.93 -8.26 -17.75
N LYS A 292 12.03 -9.24 -17.83
CA LYS A 292 11.57 -9.73 -19.13
C LYS A 292 10.07 -9.92 -19.22
N VAL A 293 9.31 -9.59 -18.19
CA VAL A 293 7.88 -9.87 -18.18
C VAL A 293 7.03 -8.62 -18.00
N VAL A 294 7.58 -7.52 -17.47
CA VAL A 294 6.77 -6.32 -17.26
C VAL A 294 6.31 -5.74 -18.59
N TYR A 295 7.20 -5.75 -19.59
CA TYR A 295 6.83 -5.23 -20.91
C TYR A 295 5.65 -6.01 -21.49
N VAL A 296 5.76 -7.34 -21.53
CA VAL A 296 4.71 -8.16 -22.11
C VAL A 296 3.42 -8.04 -21.31
N GLY A 297 3.53 -7.95 -19.97
CA GLY A 297 2.35 -7.91 -19.15
C GLY A 297 1.64 -6.57 -19.10
N VAL A 298 2.34 -5.48 -19.39
CA VAL A 298 1.79 -4.13 -19.25
C VAL A 298 1.67 -3.43 -20.61
N TRP A 299 2.80 -3.23 -21.29
CA TRP A 299 2.80 -2.32 -22.43
C TRP A 299 2.08 -2.91 -23.64
N ILE A 300 2.35 -4.17 -23.95
CA ILE A 300 1.78 -4.77 -25.17
C ILE A 300 0.26 -4.82 -25.12
N PRO A 301 -0.39 -5.30 -24.05
CA PRO A 301 -1.86 -5.17 -23.99
C PRO A 301 -2.32 -3.72 -24.01
N ALA A 302 -1.56 -2.82 -23.38
CA ALA A 302 -1.91 -1.40 -23.41
C ALA A 302 -1.86 -0.86 -24.83
N LEU A 303 -0.82 -1.23 -25.60
CA LEU A 303 -0.75 -0.80 -26.99
C LEU A 303 -1.88 -1.41 -27.81
N LEU A 304 -2.19 -2.68 -27.58
CA LEU A 304 -3.23 -3.35 -28.38
C LEU A 304 -4.61 -2.80 -28.08
N LEU A 305 -4.84 -2.32 -26.85
CA LEU A 305 -6.16 -1.79 -26.50
C LEU A 305 -6.46 -0.45 -27.16
N THR A 306 -5.47 0.17 -27.82
CA THR A 306 -5.67 1.48 -28.44
C THR A 306 -6.11 1.39 -29.89
N ILE A 307 -6.33 0.19 -30.43
CA ILE A 307 -6.85 0.07 -31.79
C ILE A 307 -8.19 0.78 -31.95
N PRO A 308 -9.15 0.64 -31.03
CA PRO A 308 -10.37 1.46 -31.15
C PRO A 308 -10.10 2.96 -31.10
N ASP A 309 -9.03 3.39 -30.44
CA ASP A 309 -8.67 4.81 -30.50
C ASP A 309 -8.29 5.21 -31.92
N PHE A 310 -7.52 4.37 -32.60
CA PHE A 310 -7.19 4.65 -33.99
C PHE A 310 -8.43 4.64 -34.88
N ILE A 311 -9.34 3.70 -34.63
CA ILE A 311 -10.50 3.57 -35.50
C ILE A 311 -11.48 4.73 -35.29
N PHE A 312 -11.75 5.09 -34.03
CA PHE A 312 -12.90 5.91 -33.70
C PHE A 312 -12.59 7.38 -33.43
N ALA A 313 -11.43 7.68 -32.83
CA ALA A 313 -11.13 9.06 -32.47
C ALA A 313 -11.10 9.94 -33.71
N ASN A 314 -11.89 11.02 -33.70
CA ASN A 314 -12.04 11.88 -34.85
C ASN A 314 -12.33 13.30 -34.37
N VAL A 315 -12.39 14.23 -35.32
CA VAL A 315 -12.73 15.61 -35.04
C VAL A 315 -14.01 15.94 -35.81
N SER A 316 -15.07 16.26 -35.08
CA SER A 316 -16.31 16.63 -35.72
C SER A 316 -16.26 18.08 -36.19
N GLU A 317 -17.30 18.49 -36.90
CA GLU A 317 -17.42 19.85 -37.44
C GLU A 317 -18.81 20.41 -37.12
N ALA A 318 -19.21 20.29 -35.86
CA ALA A 318 -20.51 20.79 -35.43
C ALA A 318 -20.50 22.32 -35.47
N ASP A 319 -21.64 22.91 -35.10
CA ASP A 319 -21.76 24.36 -35.10
C ASP A 319 -20.76 24.99 -34.16
N ASP A 320 -20.21 26.13 -34.59
CA ASP A 320 -19.22 26.87 -33.81
C ASP A 320 -17.98 26.04 -33.53
N ARG A 321 -17.93 25.40 -32.37
CA ARG A 321 -16.72 24.72 -31.93
C ARG A 321 -16.45 23.45 -32.76
N TYR A 322 -15.21 22.99 -32.68
CA TYR A 322 -14.80 21.70 -33.20
C TYR A 322 -14.56 20.76 -32.03
N ILE A 323 -15.16 19.58 -32.07
CA ILE A 323 -15.14 18.64 -30.95
C ILE A 323 -14.18 17.51 -31.26
N CYS A 324 -13.29 17.21 -30.32
CA CYS A 324 -12.31 16.13 -30.43
C CYS A 324 -12.64 15.08 -29.38
N ASP A 325 -13.49 14.12 -29.76
CA ASP A 325 -13.87 13.01 -28.89
C ASP A 325 -13.99 11.76 -29.75
N ARG A 326 -14.48 10.68 -29.14
CA ARG A 326 -14.67 9.41 -29.82
C ARG A 326 -16.13 9.29 -30.26
N PHE A 327 -16.32 8.97 -31.54
CA PHE A 327 -17.65 8.91 -32.15
C PHE A 327 -17.94 7.47 -32.56
N TYR A 328 -18.48 6.68 -31.64
CA TYR A 328 -18.89 5.33 -31.96
C TYR A 328 -20.16 5.35 -32.79
N PRO A 329 -20.30 4.45 -33.76
CA PRO A 329 -21.50 4.45 -34.61
C PRO A 329 -22.80 4.29 -33.85
N ASN A 330 -22.82 3.52 -32.77
CA ASN A 330 -24.05 3.28 -32.03
C ASN A 330 -23.74 3.24 -30.54
N ASP A 331 -24.79 3.44 -29.74
CA ASP A 331 -24.61 3.61 -28.29
C ASP A 331 -24.22 2.30 -27.62
N LEU A 332 -24.55 1.17 -28.23
CA LEU A 332 -24.20 -0.12 -27.64
C LEU A 332 -22.69 -0.25 -27.51
N TRP A 333 -21.95 0.20 -28.52
CA TRP A 333 -20.49 0.17 -28.41
C TRP A 333 -20.00 1.16 -27.37
N VAL A 334 -20.73 2.27 -27.19
CA VAL A 334 -20.38 3.22 -26.14
C VAL A 334 -20.43 2.54 -24.77
N VAL A 335 -21.53 1.84 -24.50
CA VAL A 335 -21.69 1.19 -23.20
C VAL A 335 -20.71 0.03 -23.06
N VAL A 336 -20.43 -0.67 -24.15
CA VAL A 336 -19.46 -1.76 -24.11
C VAL A 336 -18.08 -1.24 -23.75
N PHE A 337 -17.66 -0.14 -24.37
CA PHE A 337 -16.33 0.40 -24.09
C PHE A 337 -16.25 0.96 -22.67
N GLN A 338 -17.32 1.61 -22.21
CA GLN A 338 -17.34 2.08 -20.82
C GLN A 338 -17.26 0.91 -19.84
N PHE A 339 -18.01 -0.16 -20.09
CA PHE A 339 -17.96 -1.32 -19.21
C PHE A 339 -16.60 -1.99 -19.22
N GLN A 340 -15.95 -2.11 -20.38
CA GLN A 340 -14.67 -2.80 -20.34
C GLN A 340 -13.60 -1.93 -19.70
N HIS A 341 -13.66 -0.62 -19.89
CA HIS A 341 -12.74 0.27 -19.20
C HIS A 341 -12.91 0.15 -17.69
N ILE A 342 -14.16 0.25 -17.21
CA ILE A 342 -14.41 0.08 -15.78
C ILE A 342 -13.91 -1.28 -15.31
N MET A 343 -14.31 -2.34 -16.02
CA MET A 343 -13.97 -3.70 -15.63
C MET A 343 -12.46 -3.85 -15.49
N VAL A 344 -11.73 -3.72 -16.60
CA VAL A 344 -10.29 -3.91 -16.56
C VAL A 344 -9.69 -2.99 -15.50
N GLY A 345 -9.76 -1.67 -15.74
CA GLY A 345 -8.97 -0.73 -15.00
C GLY A 345 -9.47 -0.38 -13.61
N LEU A 346 -10.50 -1.05 -13.11
CA LEU A 346 -10.84 -0.87 -11.71
C LEU A 346 -10.93 -2.20 -10.98
N ILE A 347 -11.39 -3.25 -11.66
CA ILE A 347 -11.64 -4.52 -10.99
C ILE A 347 -10.43 -5.44 -11.08
N LEU A 348 -9.75 -5.54 -12.24
CA LEU A 348 -8.72 -6.57 -12.33
C LEU A 348 -7.51 -6.23 -11.46
N PRO A 349 -6.86 -5.06 -11.61
CA PRO A 349 -5.87 -4.67 -10.60
C PRO A 349 -6.47 -4.55 -9.22
N GLY A 350 -7.75 -4.17 -9.13
CA GLY A 350 -8.37 -4.11 -7.82
C GLY A 350 -8.37 -5.45 -7.12
N ILE A 351 -8.76 -6.52 -7.83
CA ILE A 351 -8.79 -7.84 -7.22
C ILE A 351 -7.38 -8.35 -6.95
N VAL A 352 -6.46 -8.13 -7.89
CA VAL A 352 -5.08 -8.61 -7.67
C VAL A 352 -4.47 -7.92 -6.45
N ILE A 353 -4.66 -6.61 -6.33
CA ILE A 353 -4.12 -5.87 -5.19
C ILE A 353 -4.81 -6.30 -3.91
N LEU A 354 -6.13 -6.50 -3.95
CA LEU A 354 -6.84 -6.99 -2.77
C LEU A 354 -6.23 -8.29 -2.27
N SER A 355 -6.07 -9.27 -3.16
CA SER A 355 -5.53 -10.56 -2.74
C SER A 355 -4.11 -10.41 -2.20
N CYS A 356 -3.24 -9.75 -2.96
CA CYS A 356 -1.84 -9.65 -2.56
C CYS A 356 -1.71 -8.94 -1.22
N TYR A 357 -2.39 -7.81 -1.04
CA TYR A 357 -2.21 -7.04 0.18
C TYR A 357 -2.97 -7.63 1.35
N CYS A 358 -4.07 -8.36 1.12
CA CYS A 358 -4.70 -9.09 2.21
C CYS A 358 -3.76 -10.16 2.75
N ILE A 359 -3.11 -10.90 1.86
CA ILE A 359 -2.15 -11.91 2.32
C ILE A 359 -0.97 -11.24 3.01
N ILE A 360 -0.48 -10.13 2.46
CA ILE A 360 0.68 -9.45 3.04
C ILE A 360 0.35 -8.94 4.44
N ILE A 361 -0.82 -8.32 4.61
CA ILE A 361 -1.20 -7.78 5.91
C ILE A 361 -1.44 -8.91 6.90
N SER A 362 -2.01 -10.03 6.46
CA SER A 362 -2.16 -11.17 7.36
C SER A 362 -0.80 -11.71 7.79
N ARG A 363 0.19 -11.63 6.90
CA ARG A 363 1.54 -12.05 7.29
C ARG A 363 2.16 -11.07 8.28
N LEU A 364 1.96 -9.77 8.06
CA LEU A 364 2.63 -8.77 8.89
C LEU A 364 2.15 -8.83 10.34
N LYS A 365 0.85 -9.04 10.56
CA LYS A 365 0.30 -9.08 11.91
C LYS A 365 0.58 -10.38 12.64
N SER A 366 1.08 -11.41 11.95
CA SER A 366 1.27 -12.72 12.55
C SER A 366 2.72 -13.13 12.69
N VAL A 367 3.54 -12.92 11.66
CA VAL A 367 4.93 -13.40 11.70
C VAL A 367 5.73 -12.54 12.66
N ARG A 368 6.40 -13.19 13.61
CA ARG A 368 7.24 -12.48 14.57
C ARG A 368 8.42 -11.79 13.89
N LEU A 369 9.07 -12.49 12.96
CA LEU A 369 10.27 -11.97 12.32
C LEU A 369 10.32 -12.48 10.89
N LEU A 370 10.02 -11.61 9.92
CA LEU A 370 10.09 -12.00 8.53
C LEU A 370 11.51 -12.32 8.12
N SER A 371 11.65 -13.18 7.11
CA SER A 371 12.94 -13.67 6.62
C SER A 371 13.64 -14.35 7.81
N GLY A 372 14.87 -14.00 8.13
CA GLY A 372 15.57 -14.65 9.22
C GLY A 372 16.39 -13.72 10.09
N SER A 373 16.31 -12.41 9.83
CA SER A 373 17.07 -11.44 10.59
C SER A 373 16.23 -10.18 10.78
N ARG A 374 16.58 -9.42 11.81
CA ARG A 374 15.85 -8.19 12.12
C ARG A 374 16.00 -7.15 11.01
N GLU A 375 17.20 -7.03 10.44
CA GLU A 375 17.43 -6.05 9.40
C GLU A 375 16.59 -6.36 8.15
N LYS A 376 16.50 -7.63 7.78
CA LYS A 376 15.67 -8.01 6.64
C LYS A 376 14.21 -7.68 6.91
N ASP A 377 13.74 -7.96 8.13
CA ASP A 377 12.36 -7.64 8.50
C ASP A 377 12.09 -6.15 8.35
N ARG A 378 12.94 -5.30 8.95
CA ARG A 378 12.69 -3.87 8.90
C ARG A 378 12.80 -3.34 7.48
N ASN A 379 13.73 -3.88 6.69
CA ASN A 379 13.83 -3.48 5.29
C ASN A 379 12.55 -3.82 4.53
N LEU A 380 11.99 -5.01 4.78
CA LEU A 380 10.76 -5.40 4.11
C LEU A 380 9.61 -4.45 4.48
N ARG A 381 9.46 -4.14 5.77
CA ARG A 381 8.39 -3.22 6.16
C ARG A 381 8.56 -1.84 5.53
N ARG A 382 9.79 -1.32 5.57
CA ARG A 382 10.05 0.01 5.05
C ARG A 382 9.79 0.08 3.54
N ILE A 383 10.19 -0.96 2.81
CA ILE A 383 9.93 -0.97 1.38
C ILE A 383 8.44 -1.15 1.09
N THR A 384 7.72 -1.88 1.96
CA THR A 384 6.34 -2.19 1.66
C THR A 384 5.41 -0.99 1.85
N ARG A 385 5.62 -0.21 2.91
CA ARG A 385 4.60 0.78 3.28
C ARG A 385 4.34 1.85 2.20
N PRO A 386 5.35 2.47 1.57
CA PRO A 386 5.05 3.49 0.55
C PRO A 386 4.16 2.98 -0.58
N THR A 387 4.31 1.73 -1.00
CA THR A 387 3.45 1.20 -2.04
C THR A 387 2.00 1.14 -1.59
N VAL A 388 1.77 0.78 -0.31
CA VAL A 388 0.42 0.79 0.23
C VAL A 388 -0.17 2.18 0.16
N ILE A 389 0.62 3.19 0.58
CA ILE A 389 0.11 4.56 0.54
C ILE A 389 -0.20 4.99 -0.89
N LEU A 390 0.68 4.65 -1.82
CA LEU A 390 0.50 5.04 -3.21
C LEU A 390 -0.75 4.42 -3.81
N ILE A 391 -0.96 3.12 -3.56
CA ILE A 391 -2.13 2.44 -4.09
C ILE A 391 -3.41 3.01 -3.49
N LEU A 392 -3.41 3.27 -2.18
CA LEU A 392 -4.59 3.84 -1.55
C LEU A 392 -4.93 5.21 -2.13
N ALA A 393 -3.92 6.06 -2.31
CA ALA A 393 -4.16 7.38 -2.87
C ALA A 393 -4.66 7.29 -4.31
N PHE A 394 -4.06 6.41 -5.10
CA PHE A 394 -4.47 6.23 -6.50
C PHE A 394 -5.93 5.83 -6.59
N PHE A 395 -6.34 4.83 -5.80
CA PHE A 395 -7.72 4.37 -5.88
C PHE A 395 -8.68 5.41 -5.31
N ALA A 396 -8.29 6.12 -4.26
CA ALA A 396 -9.14 7.17 -3.72
C ALA A 396 -9.34 8.29 -4.73
N CYS A 397 -8.33 8.59 -5.54
CA CYS A 397 -8.50 9.59 -6.59
C CYS A 397 -9.41 9.08 -7.70
N TRP A 398 -9.21 7.83 -8.15
CA TRP A 398 -9.91 7.35 -9.33
C TRP A 398 -11.34 6.87 -9.06
N LEU A 399 -11.70 6.59 -7.80
CA LEU A 399 -12.99 5.96 -7.54
C LEU A 399 -14.20 6.81 -7.91
N PRO A 400 -14.30 8.08 -7.51
CA PRO A 400 -15.55 8.83 -7.78
C PRO A 400 -15.87 8.95 -9.27
N TYR A 401 -14.86 9.05 -10.12
CA TYR A 401 -15.11 9.08 -11.57
C TYR A 401 -15.76 7.78 -12.03
N TYR A 402 -15.27 6.65 -11.50
CA TYR A 402 -15.85 5.36 -11.88
C TYR A 402 -17.28 5.25 -11.36
N ILE A 403 -17.56 5.78 -10.17
CA ILE A 403 -18.93 5.81 -9.68
C ILE A 403 -19.82 6.63 -10.61
N GLY A 404 -19.33 7.80 -11.02
CA GLY A 404 -20.11 8.64 -11.92
C GLY A 404 -20.41 7.97 -13.24
N ILE A 405 -19.39 7.36 -13.85
CA ILE A 405 -19.63 6.73 -15.16
C ILE A 405 -20.45 5.46 -15.00
N SER A 406 -20.38 4.79 -13.85
CA SER A 406 -21.29 3.66 -13.61
C SER A 406 -22.73 4.12 -13.56
N ILE A 407 -23.00 5.23 -12.86
CA ILE A 407 -24.35 5.78 -12.85
C ILE A 407 -24.78 6.18 -14.25
N ASP A 408 -23.87 6.78 -15.02
CA ASP A 408 -24.20 7.18 -16.38
C ASP A 408 -24.54 5.97 -17.25
N SER A 409 -23.73 4.91 -17.17
CA SER A 409 -23.98 3.72 -17.95
C SER A 409 -25.32 3.09 -17.57
N PHE A 410 -25.64 3.11 -16.28
CA PHE A 410 -26.96 2.63 -15.87
C PHE A 410 -28.07 3.57 -16.30
N ILE A 411 -27.75 4.82 -16.63
CA ILE A 411 -28.74 5.69 -17.28
C ILE A 411 -28.92 5.26 -18.73
N LEU A 412 -27.83 4.90 -19.42
CA LEU A 412 -27.94 4.41 -20.80
C LEU A 412 -28.87 3.21 -20.88
N LEU A 413 -28.48 2.11 -20.24
CA LEU A 413 -29.37 0.97 -20.13
C LEU A 413 -30.62 1.38 -19.37
N GLU A 414 -31.79 1.02 -19.90
CA GLU A 414 -33.05 1.59 -19.39
C GLU A 414 -33.34 1.00 -18.01
N ILE A 415 -32.63 1.54 -17.02
CA ILE A 415 -32.80 1.14 -15.62
C ILE A 415 -33.09 2.36 -14.78
N ILE A 416 -32.21 3.36 -14.87
CA ILE A 416 -32.33 4.58 -14.08
C ILE A 416 -33.14 5.60 -14.87
N LYS A 417 -34.18 6.16 -14.24
CA LYS A 417 -35.05 7.12 -14.91
C LYS A 417 -35.63 8.08 -13.87
N GLN A 418 -35.18 9.34 -13.94
CA GLN A 418 -35.75 10.41 -13.12
C GLN A 418 -35.92 11.67 -13.96
N GLY A 419 -36.18 12.80 -13.31
CA GLY A 419 -36.39 14.04 -14.01
C GLY A 419 -35.15 14.51 -14.77
N CYS A 420 -35.38 15.42 -15.72
CA CYS A 420 -34.30 15.90 -16.58
C CYS A 420 -33.20 16.61 -15.79
N GLU A 421 -33.49 17.06 -14.58
CA GLU A 421 -32.44 17.66 -13.75
C GLU A 421 -31.35 16.64 -13.42
N PHE A 422 -31.73 15.36 -13.31
CA PHE A 422 -30.74 14.33 -12.98
C PHE A 422 -29.68 14.21 -14.07
N GLU A 423 -30.08 14.34 -15.33
CA GLU A 423 -29.11 14.23 -16.42
C GLU A 423 -28.04 15.32 -16.34
N ASN A 424 -28.46 16.57 -16.15
CA ASN A 424 -27.47 17.65 -16.09
C ASN A 424 -26.65 17.57 -14.81
N THR A 425 -27.27 17.14 -13.70
CA THR A 425 -26.50 16.96 -12.47
C THR A 425 -25.41 15.91 -12.67
N VAL A 426 -25.76 14.79 -13.32
CA VAL A 426 -24.76 13.76 -13.60
C VAL A 426 -23.69 14.24 -14.57
N HIS A 427 -24.05 15.00 -15.60
CA HIS A 427 -23.04 15.55 -16.51
C HIS A 427 -22.05 16.42 -15.76
N LYS A 428 -22.55 17.35 -14.93
CA LYS A 428 -21.66 18.20 -14.15
C LYS A 428 -20.79 17.38 -13.22
N TRP A 429 -21.39 16.41 -12.52
CA TRP A 429 -20.64 15.58 -11.58
C TRP A 429 -19.51 14.85 -12.28
N ILE A 430 -19.80 14.24 -13.43
CA ILE A 430 -18.79 13.44 -14.11
C ILE A 430 -17.68 14.32 -14.64
N SER A 431 -18.01 15.49 -15.21
CA SER A 431 -16.98 16.37 -15.72
C SER A 431 -16.05 16.86 -14.61
N ILE A 432 -16.64 17.36 -13.51
CA ILE A 432 -15.85 17.86 -12.40
C ILE A 432 -15.00 16.75 -11.81
N THR A 433 -15.57 15.56 -11.67
CA THR A 433 -14.84 14.47 -11.04
C THR A 433 -13.73 13.93 -11.93
N GLU A 434 -13.92 13.93 -13.25
CA GLU A 434 -12.79 13.60 -14.12
C GLU A 434 -11.67 14.62 -14.00
N ALA A 435 -12.03 15.90 -13.94
CA ALA A 435 -11.01 16.92 -13.74
C ALA A 435 -10.23 16.68 -12.46
N LEU A 436 -10.92 16.36 -11.37
CA LEU A 436 -10.24 16.11 -10.10
C LEU A 436 -9.52 14.77 -10.06
N ALA A 437 -9.95 13.80 -10.86
CA ALA A 437 -9.32 12.48 -10.89
C ALA A 437 -8.11 12.43 -11.81
N PHE A 438 -7.93 13.41 -12.68
CA PHE A 438 -6.67 13.51 -13.41
C PHE A 438 -5.47 13.81 -12.50
N PHE A 439 -5.68 13.94 -11.19
CA PHE A 439 -4.60 14.21 -10.25
C PHE A 439 -3.70 13.00 -10.01
N HIS A 440 -4.06 11.83 -10.54
CA HIS A 440 -3.25 10.63 -10.30
C HIS A 440 -1.84 10.76 -10.85
N CYS A 441 -1.60 11.67 -11.79
CA CYS A 441 -0.28 11.82 -12.40
C CYS A 441 0.74 12.43 -11.46
N CYS A 442 0.32 12.99 -10.33
CA CYS A 442 1.22 13.68 -9.42
C CYS A 442 1.45 12.92 -8.12
N LEU A 443 1.31 11.59 -8.12
CA LEU A 443 1.39 10.85 -6.88
C LEU A 443 2.82 10.42 -6.56
N ASN A 444 3.51 9.82 -7.53
CA ASN A 444 4.88 9.36 -7.30
C ASN A 444 5.81 10.48 -6.87
N PRO A 445 5.85 11.65 -7.53
CA PRO A 445 6.70 12.73 -7.02
C PRO A 445 6.32 13.19 -5.62
N ILE A 446 5.02 13.20 -5.29
CA ILE A 446 4.61 13.64 -3.96
C ILE A 446 5.08 12.65 -2.90
N LEU A 447 4.98 11.34 -3.19
CA LEU A 447 5.48 10.36 -2.24
C LEU A 447 7.00 10.39 -2.12
N TYR A 448 7.71 10.66 -3.22
CA TYR A 448 9.15 10.85 -3.12
C TYR A 448 9.49 12.04 -2.24
N ALA A 449 8.75 13.14 -2.39
CA ALA A 449 8.97 14.29 -1.52
C ALA A 449 8.68 13.96 -0.06
N PHE A 450 7.58 13.24 0.19
CA PHE A 450 7.21 12.92 1.57
C PHE A 450 8.24 12.00 2.23
N LEU A 451 8.72 10.99 1.51
CA LEU A 451 9.56 9.95 2.07
C LEU A 451 10.98 10.00 1.49
N GLY A 452 11.52 11.21 1.34
CA GLY A 452 12.86 11.37 0.81
C GLY A 452 13.74 12.26 1.65
N ALA A 453 13.57 12.19 2.98
CA ALA A 453 14.35 13.01 3.88
C ALA A 453 15.49 12.20 4.49
N GLN B 41 5.73 4.95 24.32
CA GLN B 41 6.21 3.57 24.35
C GLN B 41 5.31 2.70 25.22
N VAL B 42 5.93 1.74 25.92
CA VAL B 42 5.21 0.82 26.79
C VAL B 42 5.90 0.79 28.14
N GLN B 43 5.16 0.31 29.15
CA GLN B 43 5.66 0.24 30.52
C GLN B 43 5.57 -1.19 31.02
N LEU B 44 6.65 -1.67 31.62
CA LEU B 44 6.70 -2.99 32.25
C LEU B 44 7.24 -2.86 33.65
N GLN B 45 6.62 -3.58 34.59
CA GLN B 45 7.07 -3.59 35.97
C GLN B 45 7.15 -5.03 36.45
N GLU B 46 7.74 -5.21 37.63
CA GLU B 46 7.87 -6.53 38.23
C GLU B 46 7.49 -6.46 39.70
N SER B 47 7.04 -7.58 40.24
CA SER B 47 6.62 -7.65 41.64
C SER B 47 6.67 -9.11 42.08
N GLY B 48 6.34 -9.33 43.35
CA GLY B 48 6.28 -10.64 43.93
C GLY B 48 7.45 -11.00 44.84
N GLY B 49 8.45 -10.13 44.96
CA GLY B 49 9.60 -10.40 45.79
C GLY B 49 9.35 -10.07 47.25
N GLY B 50 10.36 -10.36 48.06
CA GLY B 50 10.32 -10.12 49.48
C GLY B 50 10.98 -11.26 50.23
N LEU B 51 10.81 -11.24 51.55
CA LEU B 51 11.36 -12.28 52.43
C LEU B 51 10.33 -13.40 52.54
N VAL B 52 10.67 -14.58 52.03
CA VAL B 52 9.76 -15.71 51.99
C VAL B 52 10.50 -16.94 52.52
N GLN B 53 9.79 -17.74 53.31
CA GLN B 53 10.36 -18.97 53.85
C GLN B 53 10.53 -20.00 52.74
N ALA B 54 11.48 -20.92 52.96
CA ALA B 54 11.79 -21.93 51.97
C ALA B 54 10.61 -22.87 51.78
N GLY B 55 10.42 -23.33 50.54
CA GLY B 55 9.34 -24.25 50.22
C GLY B 55 7.97 -23.62 50.10
N GLU B 56 7.90 -22.31 49.91
CA GLU B 56 6.62 -21.64 49.76
C GLU B 56 6.31 -21.43 48.28
N SER B 57 5.12 -20.89 48.01
CA SER B 57 4.63 -20.69 46.65
C SER B 57 4.29 -19.23 46.43
N LEU B 58 4.73 -18.68 45.30
CA LEU B 58 4.43 -17.31 44.91
C LEU B 58 4.41 -17.23 43.39
N ARG B 59 3.84 -16.13 42.88
CA ARG B 59 3.69 -15.92 41.45
C ARG B 59 4.16 -14.51 41.10
N LEU B 60 5.28 -14.41 40.40
CA LEU B 60 5.76 -13.12 39.93
C LEU B 60 4.86 -12.60 38.81
N SER B 61 4.82 -11.27 38.68
CA SER B 61 3.95 -10.63 37.70
C SER B 61 4.75 -9.62 36.89
N CYS B 62 4.37 -9.44 35.62
CA CYS B 62 5.03 -8.48 34.75
C CYS B 62 3.99 -8.05 33.70
N ALA B 63 3.37 -6.89 33.92
CA ALA B 63 2.28 -6.41 33.09
C ALA B 63 2.77 -5.31 32.17
N ALA B 64 2.44 -5.43 30.89
CA ALA B 64 2.80 -4.44 29.88
C ALA B 64 1.56 -3.69 29.43
N SER B 65 1.64 -2.36 29.43
CA SER B 65 0.54 -1.52 29.00
C SER B 65 1.08 -0.32 28.24
N GLY B 66 0.22 0.26 27.40
CA GLY B 66 0.61 1.41 26.60
C GLY B 66 0.41 1.20 25.11
N THR B 67 1.31 1.76 24.31
CA THR B 67 1.23 1.62 22.85
C THR B 67 1.72 0.23 22.47
N ILE B 68 0.83 -0.75 22.65
CA ILE B 68 1.12 -2.14 22.36
C ILE B 68 0.35 -2.53 21.10
N PHE B 69 1.07 -2.91 20.06
CA PHE B 69 0.44 -3.49 18.88
C PHE B 69 0.41 -5.01 18.95
N ARG B 70 1.44 -5.61 19.54
CA ARG B 70 1.51 -7.06 19.71
C ARG B 70 2.68 -7.39 20.64
N LEU B 71 2.48 -8.39 21.48
CA LEU B 71 3.54 -8.96 22.31
C LEU B 71 3.89 -10.34 21.78
N TYR B 72 5.18 -10.57 21.52
CA TYR B 72 5.60 -11.80 20.85
C TYR B 72 6.16 -12.82 21.83
N ASP B 73 7.23 -12.47 22.55
CA ASP B 73 7.85 -13.36 23.53
C ASP B 73 7.97 -12.64 24.86
N MET B 74 7.67 -13.36 25.93
CA MET B 74 7.82 -12.82 27.28
C MET B 74 8.53 -13.86 28.15
N GLY B 75 9.58 -13.43 28.85
CA GLY B 75 10.35 -14.37 29.63
C GLY B 75 11.11 -13.69 30.75
N TRP B 76 11.61 -14.51 31.67
CA TRP B 76 12.39 -14.07 32.81
C TRP B 76 13.84 -14.49 32.63
N TYR B 77 14.75 -13.63 33.07
CA TYR B 77 16.18 -13.84 32.87
C TYR B 77 16.92 -13.71 34.20
N ARG B 78 18.21 -13.99 34.15
CA ARG B 78 19.08 -13.87 35.31
C ARG B 78 20.54 -13.78 34.87
N GLN B 84 25.13 -11.88 33.27
CA GLN B 84 24.78 -11.84 31.85
C GLN B 84 23.27 -12.03 31.66
N ARG B 85 22.91 -12.71 30.58
CA ARG B 85 21.52 -12.98 30.24
C ARG B 85 21.29 -14.49 30.33
N GLU B 86 20.94 -14.95 31.53
CA GLU B 86 20.67 -16.37 31.76
C GLU B 86 19.20 -16.63 31.53
N LEU B 87 18.89 -17.41 30.49
CA LEU B 87 17.50 -17.71 30.14
C LEU B 87 16.99 -18.81 31.07
N VAL B 88 16.12 -18.44 32.00
CA VAL B 88 15.54 -19.39 32.93
C VAL B 88 14.11 -19.78 32.54
N ALA B 89 13.40 -18.95 31.79
CA ALA B 89 12.04 -19.24 31.36
C ALA B 89 11.64 -18.23 30.30
N SER B 90 10.89 -18.69 29.31
CA SER B 90 10.38 -17.82 28.26
C SER B 90 9.23 -18.53 27.55
N ILE B 91 8.05 -17.92 27.56
CA ILE B 91 6.86 -18.50 26.95
C ILE B 91 6.49 -17.66 25.74
N THR B 92 6.44 -18.31 24.57
CA THR B 92 6.01 -17.64 23.36
C THR B 92 4.49 -17.42 23.42
N SER B 93 4.01 -16.55 22.54
CA SER B 93 2.56 -16.31 22.46
C SER B 93 1.79 -17.60 22.17
N GLY B 94 2.44 -18.57 21.51
CA GLY B 94 1.86 -19.86 21.27
C GLY B 94 2.00 -20.87 22.39
N GLY B 95 2.63 -20.48 23.50
CA GLY B 95 2.77 -21.36 24.64
C GLY B 95 3.95 -22.30 24.59
N SER B 96 4.80 -22.23 23.57
CA SER B 96 5.96 -23.10 23.45
C SER B 96 7.07 -22.57 24.36
N THR B 97 7.01 -22.99 25.62
CA THR B 97 7.98 -22.53 26.61
C THR B 97 9.35 -23.15 26.37
N LYS B 98 10.39 -22.45 26.82
CA LYS B 98 11.77 -22.91 26.71
C LYS B 98 12.42 -22.75 28.08
N TYR B 99 12.28 -23.77 28.93
CA TYR B 99 12.78 -23.69 30.29
C TYR B 99 14.29 -23.84 30.32
N GLY B 100 14.88 -23.39 31.42
CA GLY B 100 16.33 -23.48 31.59
C GLY B 100 16.77 -24.87 32.02
N ASP B 101 18.07 -25.11 31.84
CA ASP B 101 18.64 -26.41 32.20
C ASP B 101 18.60 -26.64 33.70
N SER B 102 18.91 -25.61 34.49
CA SER B 102 18.93 -25.73 35.94
C SER B 102 17.54 -25.78 36.56
N VAL B 103 16.51 -25.40 35.82
CA VAL B 103 15.14 -25.40 36.32
C VAL B 103 14.26 -26.37 35.55
N LYS B 104 14.86 -27.37 34.89
CA LYS B 104 14.09 -28.35 34.14
C LYS B 104 13.23 -29.17 35.10
N GLY B 105 11.91 -29.10 34.91
CA GLY B 105 10.99 -29.77 35.80
C GLY B 105 10.81 -29.09 37.14
N ARG B 106 11.27 -27.86 37.29
CA ARG B 106 11.23 -27.14 38.56
C ARG B 106 10.33 -25.93 38.54
N PHE B 107 10.36 -25.13 37.49
CA PHE B 107 9.58 -23.90 37.41
C PHE B 107 8.42 -24.08 36.43
N THR B 108 7.34 -23.34 36.69
CA THR B 108 6.17 -23.33 35.83
C THR B 108 5.85 -21.89 35.43
N ILE B 109 5.64 -21.69 34.14
CA ILE B 109 5.36 -20.35 33.60
C ILE B 109 3.91 -20.28 33.15
N SER B 110 3.41 -19.07 32.99
CA SER B 110 2.04 -18.83 32.56
C SER B 110 1.97 -17.45 31.93
N ARG B 111 0.86 -17.21 31.21
CA ARG B 111 0.66 -15.94 30.55
C ARG B 111 -0.83 -15.69 30.36
N ASP B 112 -1.25 -14.44 30.60
CA ASP B 112 -2.62 -13.99 30.37
C ASP B 112 -2.57 -12.94 29.27
N ASN B 113 -2.97 -13.33 28.06
CA ASN B 113 -2.96 -12.39 26.95
C ASN B 113 -3.91 -11.23 27.17
N ALA B 114 -5.02 -11.47 27.89
CA ALA B 114 -5.98 -10.41 28.14
C ALA B 114 -5.38 -9.29 28.97
N LYS B 115 -4.67 -9.64 30.04
CA LYS B 115 -4.04 -8.65 30.90
C LYS B 115 -2.58 -8.38 30.55
N ASN B 116 -2.04 -9.07 29.55
CA ASN B 116 -0.64 -8.92 29.14
C ASN B 116 0.30 -9.14 30.33
N THR B 117 0.07 -10.23 31.04
CA THR B 117 0.82 -10.56 32.24
C THR B 117 1.42 -11.95 32.12
N VAL B 118 2.56 -12.15 32.77
CA VAL B 118 3.23 -13.44 32.82
C VAL B 118 3.49 -13.80 34.28
N TYR B 119 3.18 -15.05 34.62
CA TYR B 119 3.27 -15.54 35.98
C TYR B 119 4.28 -16.67 36.07
N LEU B 120 5.11 -16.63 37.11
CA LEU B 120 6.11 -17.66 37.37
C LEU B 120 5.76 -18.36 38.67
N GLN B 121 5.40 -19.64 38.58
CA GLN B 121 5.04 -20.43 39.75
C GLN B 121 6.31 -21.04 40.35
N MET B 122 6.67 -20.60 41.55
CA MET B 122 7.84 -21.10 42.25
C MET B 122 7.45 -22.13 43.28
N SER B 123 8.30 -23.15 43.44
CA SER B 123 8.06 -24.23 44.38
C SER B 123 9.37 -24.93 44.67
N SER B 124 9.48 -25.48 45.88
CA SER B 124 10.67 -26.21 46.33
C SER B 124 11.92 -25.33 46.23
N LEU B 125 11.91 -24.27 47.04
CA LEU B 125 13.00 -23.30 47.03
C LEU B 125 14.32 -23.96 47.41
N LYS B 126 15.39 -23.48 46.79
CA LYS B 126 16.74 -23.91 47.10
C LYS B 126 17.60 -22.69 47.38
N PRO B 127 18.61 -22.83 48.25
CA PRO B 127 19.48 -21.68 48.55
C PRO B 127 20.21 -21.14 47.34
N GLU B 128 20.54 -22.00 46.37
CA GLU B 128 21.25 -21.55 45.18
C GLU B 128 20.36 -20.74 44.24
N ASP B 129 19.06 -20.75 44.45
CA ASP B 129 18.12 -20.03 43.59
C ASP B 129 17.86 -18.61 44.05
N THR B 130 18.50 -18.16 45.14
CA THR B 130 18.34 -16.80 45.62
C THR B 130 19.03 -15.84 44.67
N ALA B 131 18.25 -15.14 43.85
CA ALA B 131 18.80 -14.22 42.86
C ALA B 131 17.73 -13.19 42.51
N VAL B 132 18.10 -12.25 41.63
CA VAL B 132 17.20 -11.21 41.16
C VAL B 132 16.81 -11.53 39.72
N TYR B 133 15.52 -11.54 39.45
CA TYR B 133 14.98 -11.92 38.15
C TYR B 133 14.52 -10.67 37.38
N TYR B 134 14.81 -10.65 36.09
CA TYR B 134 14.44 -9.56 35.22
C TYR B 134 13.42 -10.03 34.20
N CYS B 135 12.28 -9.34 34.12
CA CYS B 135 11.26 -9.66 33.13
C CYS B 135 11.70 -9.12 31.78
N ASN B 136 11.65 -9.98 30.76
CA ASN B 136 12.02 -9.62 29.40
C ASN B 136 10.85 -9.89 28.48
N ALA B 137 10.58 -8.96 27.57
CA ALA B 137 9.48 -9.10 26.63
C ALA B 137 9.86 -8.49 25.29
N GLU B 138 9.28 -9.04 24.23
CA GLU B 138 9.45 -8.53 22.88
C GLU B 138 8.10 -8.02 22.38
N TYR B 139 8.07 -6.79 21.91
CA TYR B 139 6.81 -6.14 21.53
C TYR B 139 7.00 -5.44 20.18
N ARG B 140 5.92 -4.87 19.68
CA ARG B 140 5.94 -4.09 18.46
C ARG B 140 4.94 -2.95 18.61
N THR B 141 5.31 -1.76 18.12
CA THR B 141 4.47 -0.59 18.25
C THR B 141 3.59 -0.33 17.03
N GLY B 142 3.75 -1.10 15.96
CA GLY B 142 2.95 -0.88 14.77
C GLY B 142 3.27 -1.94 13.74
N ILE B 143 2.42 -1.98 12.70
CA ILE B 143 2.58 -2.97 11.65
C ILE B 143 3.92 -2.78 10.93
N TRP B 144 4.26 -1.54 10.63
CA TRP B 144 5.45 -1.23 9.86
C TRP B 144 6.67 -0.94 10.73
N GLU B 145 6.56 -1.11 12.04
CA GLU B 145 7.69 -0.93 12.94
C GLU B 145 8.45 -2.23 13.12
N GLU B 146 9.74 -2.11 13.39
CA GLU B 146 10.60 -3.28 13.57
C GLU B 146 10.31 -3.94 14.92
N LEU B 147 11.07 -4.99 15.22
CA LEU B 147 10.90 -5.72 16.47
C LEU B 147 11.66 -4.99 17.58
N LEU B 148 10.95 -4.59 18.62
CA LEU B 148 11.52 -3.86 19.74
C LEU B 148 11.57 -4.74 20.98
N ASP B 149 12.74 -4.79 21.61
CA ASP B 149 12.93 -5.55 22.84
C ASP B 149 12.67 -4.66 24.05
N GLY B 150 12.39 -5.31 25.18
CA GLY B 150 12.12 -4.61 26.42
C GLY B 150 12.65 -5.37 27.60
N TRP B 151 12.66 -4.69 28.75
CA TRP B 151 13.15 -5.29 29.99
C TRP B 151 12.35 -4.74 31.15
N GLY B 152 12.38 -5.49 32.27
CA GLY B 152 11.67 -5.10 33.46
C GLY B 152 12.60 -4.53 34.52
N GLN B 153 11.98 -4.00 35.58
CA GLN B 153 12.75 -3.37 36.65
C GLN B 153 13.55 -4.39 37.45
N GLY B 154 12.90 -5.50 37.82
CA GLY B 154 13.59 -6.52 38.60
C GLY B 154 12.85 -6.95 39.85
N THR B 155 12.99 -8.22 40.21
CA THR B 155 12.38 -8.78 41.41
C THR B 155 13.41 -9.63 42.14
N GLN B 156 13.53 -9.42 43.45
CA GLN B 156 14.48 -10.15 44.28
C GLN B 156 13.76 -11.21 45.08
N VAL B 157 14.23 -12.45 44.99
CA VAL B 157 13.66 -13.58 45.72
C VAL B 157 14.73 -14.14 46.64
N THR B 158 14.42 -14.23 47.92
CA THR B 158 15.36 -14.67 48.94
C THR B 158 14.83 -15.91 49.65
N VAL B 159 15.71 -16.86 49.91
CA VAL B 159 15.38 -18.10 50.61
C VAL B 159 15.93 -18.02 52.02
N SER B 160 15.09 -18.34 53.00
CA SER B 160 15.50 -18.27 54.39
C SER B 160 16.59 -19.30 54.69
N SER B 161 17.54 -18.90 55.52
CA SER B 161 18.66 -19.76 55.89
C SER B 161 19.26 -19.34 57.22
#